data_6XBI
#
_entry.id   6XBI
#
_cell.length_a   46.898
_cell.length_b   54.903
_cell.length_c   62.261
_cell.angle_alpha   60.630
_cell.angle_beta   79.770
_cell.angle_gamma   88.830
#
_symmetry.space_group_name_H-M   'P 1'
#
loop_
_entity.id
_entity.type
_entity.pdbx_description
1 polymer '3C-like proteinase'
2 polymer 'inhibitor UAW248'
3 non-polymer GLYCEROL
4 non-polymer 'SODIUM ION'
5 non-polymer 'DIMETHYL SULFOXIDE'
6 water water
#
loop_
_entity_poly.entity_id
_entity_poly.type
_entity_poly.pdbx_seq_one_letter_code
_entity_poly.pdbx_strand_id
1 'polypeptide(L)'
;HMSGFRKMAFPSGKVEGCMVQVTCGTTTLNGLWLDDVVYCPRHVICTSEDMLNPNYEDLLIRKSNHNFLVQAGNVQLRVI
GHSMQNCVLKLKVDTANPKTPKYKFVRIQPGQTFSVLACYNGSPSGVYQCAMRPNFTIKGSFLNGSCGSVGFNIDYDCVS
FCYMHHMELPTGVHAGTDLEGNFYGPFVDRQTAQAAGTDTTITVNVLAWLYAAVINGDRWFLNRFTTTLNDFNLVAMKYN
YEPLTQDHVDILGPLSAQTGIAVLDMCASLKELLQNGMNGRTILGSALLEDEFTPFDVVRQCSGVTFQ
;
A,B
2 'polypeptide(L)' (UZ7)LL(UZ4)(UZ1) D,E
#
# COMPACT_ATOMS: atom_id res chain seq x y z
N MET A 2 -4.33 9.17 18.38
CA MET A 2 -3.19 8.67 19.19
C MET A 2 -2.07 8.19 18.27
N SER A 3 -2.29 7.12 17.51
CA SER A 3 -1.25 6.69 16.53
C SER A 3 -1.94 6.28 15.22
N GLY A 4 -1.19 6.01 14.14
CA GLY A 4 -1.82 5.66 12.86
C GLY A 4 -1.71 4.19 12.51
N PHE A 5 -2.61 3.69 11.69
CA PHE A 5 -2.65 2.27 11.25
C PHE A 5 -3.16 2.20 9.80
N ARG A 6 -2.30 1.70 8.90
CA ARG A 6 -2.41 1.84 7.43
C ARG A 6 -2.44 0.43 6.79
N LYS A 7 -3.16 0.26 5.68
CA LYS A 7 -2.97 -0.92 4.79
C LYS A 7 -1.53 -0.88 4.25
N MET A 8 -0.67 -1.74 4.75
CA MET A 8 0.78 -1.72 4.47
C MET A 8 1.18 -2.95 3.66
N ALA A 9 1.92 -2.75 2.58
CA ALA A 9 2.44 -3.86 1.78
C ALA A 9 3.84 -4.20 2.28
N PHE A 10 4.29 -5.41 2.00
CA PHE A 10 5.70 -5.79 2.22
C PHE A 10 6.57 -4.97 1.28
N PRO A 11 7.85 -4.72 1.66
CA PRO A 11 8.81 -4.16 0.74
C PRO A 11 8.99 -5.11 -0.44
N SER A 12 9.06 -4.57 -1.65
CA SER A 12 8.94 -5.34 -2.91
C SER A 12 10.29 -5.64 -3.59
N GLY A 13 11.40 -5.09 -3.11
CA GLY A 13 12.70 -5.18 -3.81
C GLY A 13 13.07 -6.59 -4.25
N LYS A 14 12.97 -7.56 -3.34
CA LYS A 14 13.33 -8.99 -3.56
C LYS A 14 12.50 -9.57 -4.71
N VAL A 15 11.28 -9.11 -4.88
CA VAL A 15 10.40 -9.56 -6.00
C VAL A 15 10.68 -8.81 -7.31
N GLU A 16 10.98 -7.51 -7.27
CA GLU A 16 11.16 -6.69 -8.48
C GLU A 16 12.28 -7.30 -9.32
N GLY A 17 13.30 -7.84 -8.65
CA GLY A 17 14.47 -8.47 -9.29
C GLY A 17 14.17 -9.83 -9.87
N CYS A 18 12.91 -10.29 -9.87
CA CYS A 18 12.49 -11.58 -10.49
C CYS A 18 11.52 -11.37 -11.66
N MET A 19 11.07 -10.15 -11.91
CA MET A 19 10.02 -9.89 -12.92
C MET A 19 10.66 -9.77 -14.30
N VAL A 20 10.11 -10.53 -15.25
CA VAL A 20 10.50 -10.50 -16.68
C VAL A 20 9.26 -10.34 -17.55
N GLN A 21 9.48 -10.03 -18.81
CA GLN A 21 8.49 -9.89 -19.90
C GLN A 21 8.55 -11.19 -20.70
N VAL A 22 7.40 -11.80 -20.99
CA VAL A 22 7.25 -13.00 -21.86
C VAL A 22 6.27 -12.64 -22.99
N THR A 23 6.70 -12.85 -24.24
CA THR A 23 5.88 -12.65 -25.46
C THR A 23 5.80 -13.97 -26.21
N CYS A 24 4.60 -14.29 -26.63
CA CYS A 24 4.31 -15.46 -27.48
C CYS A 24 3.39 -14.90 -28.53
N GLY A 25 3.89 -14.83 -29.75
CA GLY A 25 3.12 -14.19 -30.82
C GLY A 25 2.96 -12.73 -30.50
N THR A 26 1.74 -12.22 -30.49
CA THR A 26 1.61 -10.78 -30.15
C THR A 26 1.32 -10.61 -28.66
N THR A 27 1.20 -11.70 -27.90
CA THR A 27 0.79 -11.58 -26.48
C THR A 27 1.98 -11.37 -25.57
N THR A 28 1.99 -10.25 -24.85
CA THR A 28 3.03 -9.90 -23.87
C THR A 28 2.44 -9.79 -22.46
N LEU A 29 2.96 -10.58 -21.54
CA LEU A 29 2.59 -10.46 -20.11
C LEU A 29 3.84 -10.71 -19.26
N ASN A 30 3.64 -10.91 -17.95
CA ASN A 30 4.76 -10.91 -17.00
C ASN A 30 5.11 -12.34 -16.65
N GLY A 31 6.36 -12.55 -16.28
CA GLY A 31 6.84 -13.84 -15.81
C GLY A 31 7.72 -13.65 -14.60
N LEU A 32 7.88 -14.72 -13.83
CA LEU A 32 8.67 -14.76 -12.58
C LEU A 32 9.94 -15.57 -12.84
N TRP A 33 11.11 -14.92 -12.77
CA TRP A 33 12.42 -15.52 -13.12
C TRP A 33 13.12 -15.88 -11.83
N LEU A 34 13.07 -17.17 -11.49
CA LEU A 34 13.74 -17.80 -10.31
C LEU A 34 14.74 -18.85 -10.82
N ASP A 35 16.01 -18.75 -10.42
CA ASP A 35 17.07 -19.66 -10.96
C ASP A 35 16.95 -19.63 -12.48
N ASP A 36 17.00 -20.79 -13.16
CA ASP A 36 16.98 -20.79 -14.64
C ASP A 36 15.59 -21.18 -15.14
N VAL A 37 14.52 -20.86 -14.37
CA VAL A 37 13.11 -21.10 -14.78
C VAL A 37 12.34 -19.77 -14.77
N VAL A 38 11.56 -19.50 -15.81
CA VAL A 38 10.60 -18.36 -15.89
C VAL A 38 9.20 -18.99 -15.83
N TYR A 39 8.40 -18.62 -14.83
CA TYR A 39 7.01 -19.13 -14.61
C TYR A 39 6.07 -18.05 -15.16
N CYS A 40 5.11 -18.40 -16.00
CA CYS A 40 4.10 -17.40 -16.47
C CYS A 40 2.78 -18.12 -16.69
N PRO A 41 1.68 -17.37 -16.86
CA PRO A 41 0.41 -17.97 -17.20
C PRO A 41 0.48 -18.68 -18.55
N ARG A 42 -0.08 -19.88 -18.59
CA ARG A 42 -0.11 -20.68 -19.83
C ARG A 42 -0.90 -19.97 -20.92
N HIS A 43 -1.89 -19.14 -20.62
CA HIS A 43 -2.67 -18.48 -21.71
C HIS A 43 -1.81 -17.48 -22.50
N VAL A 44 -0.54 -17.27 -22.15
CA VAL A 44 0.41 -16.55 -23.05
C VAL A 44 0.36 -17.20 -24.46
N ILE A 45 0.05 -18.49 -24.59
CA ILE A 45 0.09 -19.17 -25.93
C ILE A 45 -1.24 -19.01 -26.69
N CYS A 46 -2.28 -18.42 -26.09
CA CYS A 46 -3.60 -18.32 -26.77
C CYS A 46 -3.55 -17.30 -27.91
N THR A 47 -4.47 -17.44 -28.86
CA THR A 47 -4.80 -16.41 -29.88
C THR A 47 -6.17 -15.84 -29.55
N SER A 48 -6.45 -14.62 -30.00
CA SER A 48 -7.66 -13.82 -29.71
C SER A 48 -8.96 -14.58 -30.02
N GLU A 49 -8.97 -15.39 -31.07
CA GLU A 49 -10.20 -16.01 -31.60
C GLU A 49 -10.44 -17.37 -30.94
N ASP A 50 -9.50 -17.82 -30.09
CA ASP A 50 -9.58 -19.16 -29.46
C ASP A 50 -9.37 -19.02 -27.95
N MET A 51 -10.17 -18.18 -27.31
CA MET A 51 -10.07 -17.89 -25.86
C MET A 51 -11.25 -18.55 -25.13
N LEU A 52 -12.24 -19.08 -25.86
CA LEU A 52 -13.50 -19.61 -25.25
C LEU A 52 -13.22 -20.98 -24.63
N ASN A 53 -12.43 -21.79 -25.32
CA ASN A 53 -12.16 -23.17 -24.91
C ASN A 53 -10.86 -23.60 -25.59
N PRO A 54 -9.76 -22.88 -25.34
CA PRO A 54 -8.46 -23.24 -25.88
C PRO A 54 -8.10 -24.65 -25.46
N ASN A 55 -7.52 -25.43 -26.39
CA ASN A 55 -6.90 -26.75 -26.09
C ASN A 55 -5.41 -26.51 -25.83
N TYR A 56 -5.05 -26.36 -24.57
CA TYR A 56 -3.68 -25.93 -24.16
C TYR A 56 -2.63 -26.97 -24.59
N GLU A 57 -2.87 -28.26 -24.38
N GLU A 57 -2.91 -28.25 -24.40
CA GLU A 57 -1.96 -29.34 -24.84
CA GLU A 57 -2.04 -29.38 -24.81
C GLU A 57 -1.71 -29.20 -26.34
C GLU A 57 -1.73 -29.27 -26.31
N ASP A 58 -2.77 -29.07 -27.13
CA ASP A 58 -2.69 -28.99 -28.62
C ASP A 58 -2.05 -27.66 -29.05
N LEU A 59 -2.39 -26.55 -28.40
CA LEU A 59 -1.74 -25.24 -28.72
C LEU A 59 -0.24 -25.36 -28.44
N LEU A 60 0.13 -26.03 -27.35
CA LEU A 60 1.51 -26.00 -26.84
C LEU A 60 2.42 -26.93 -27.66
N ILE A 61 1.91 -28.01 -28.26
CA ILE A 61 2.79 -28.92 -29.07
C ILE A 61 3.22 -28.16 -30.33
N ARG A 62 2.39 -27.23 -30.80
CA ARG A 62 2.67 -26.38 -31.99
C ARG A 62 3.64 -25.25 -31.63
N LYS A 63 3.98 -25.11 -30.35
CA LYS A 63 4.97 -24.09 -29.87
C LYS A 63 6.34 -24.75 -29.74
N SER A 64 7.39 -24.03 -30.15
CA SER A 64 8.81 -24.36 -29.91
C SER A 64 9.38 -23.31 -28.97
N ASN A 65 10.59 -23.53 -28.48
CA ASN A 65 11.32 -22.56 -27.65
C ASN A 65 11.42 -21.21 -28.38
N HIS A 66 11.54 -21.24 -29.71
CA HIS A 66 11.72 -20.02 -30.55
C HIS A 66 10.45 -19.14 -30.55
N ASN A 67 9.32 -19.66 -30.07
CA ASN A 67 8.03 -18.91 -30.01
C ASN A 67 7.94 -18.08 -28.72
N PHE A 68 8.81 -18.33 -27.73
CA PHE A 68 8.87 -17.63 -26.41
C PHE A 68 10.08 -16.67 -26.37
N LEU A 69 9.79 -15.37 -26.34
CA LEU A 69 10.78 -14.28 -26.18
C LEU A 69 10.69 -13.78 -24.74
N VAL A 70 11.72 -14.05 -23.93
CA VAL A 70 11.84 -13.61 -22.50
C VAL A 70 12.82 -12.42 -22.44
N GLN A 71 12.43 -11.33 -21.80
CA GLN A 71 13.31 -10.14 -21.61
C GLN A 71 13.31 -9.74 -20.13
N ALA A 72 14.50 -9.64 -19.53
CA ALA A 72 14.75 -9.13 -18.16
C ALA A 72 15.44 -7.77 -18.27
N GLY A 73 14.65 -6.70 -18.25
CA GLY A 73 15.11 -5.32 -18.48
C GLY A 73 15.35 -5.07 -19.94
N ASN A 74 16.63 -4.94 -20.33
CA ASN A 74 17.05 -4.64 -21.73
C ASN A 74 17.60 -5.92 -22.38
N VAL A 75 17.43 -7.09 -21.74
CA VAL A 75 18.27 -8.31 -21.96
C VAL A 75 17.41 -9.50 -22.38
N GLN A 76 17.43 -9.88 -23.66
CA GLN A 76 16.72 -11.10 -24.15
C GLN A 76 17.36 -12.37 -23.58
N LEU A 77 16.55 -13.17 -22.85
CA LEU A 77 16.87 -14.53 -22.34
C LEU A 77 16.45 -15.57 -23.40
N ARG A 78 17.35 -16.52 -23.68
CA ARG A 78 17.10 -17.67 -24.59
C ARG A 78 16.30 -18.76 -23.83
N VAL A 79 15.12 -19.10 -24.35
CA VAL A 79 14.30 -20.25 -23.89
C VAL A 79 14.92 -21.53 -24.45
N ILE A 80 15.27 -22.46 -23.57
CA ILE A 80 15.94 -23.75 -23.94
C ILE A 80 15.08 -24.95 -23.54
N GLY A 81 14.01 -24.76 -22.77
CA GLY A 81 13.05 -25.81 -22.42
C GLY A 81 11.71 -25.19 -22.10
N HIS A 82 10.63 -25.96 -22.21
CA HIS A 82 9.28 -25.48 -21.85
C HIS A 82 8.42 -26.67 -21.40
N SER A 83 7.73 -26.56 -20.27
CA SER A 83 6.69 -27.53 -19.88
C SER A 83 5.47 -26.79 -19.36
N MET A 84 4.36 -27.50 -19.30
CA MET A 84 3.13 -26.96 -18.70
C MET A 84 2.98 -27.62 -17.33
N GLN A 85 2.73 -26.83 -16.29
CA GLN A 85 2.32 -27.35 -14.97
C GLN A 85 0.97 -26.74 -14.59
N ASN A 86 -0.10 -27.53 -14.72
CA ASN A 86 -1.47 -27.04 -14.45
C ASN A 86 -1.64 -25.79 -15.32
N CYS A 87 -1.98 -24.62 -14.77
CA CYS A 87 -2.25 -23.42 -15.59
C CYS A 87 -1.04 -22.48 -15.71
N VAL A 88 0.19 -22.96 -15.45
CA VAL A 88 1.42 -22.13 -15.62
C VAL A 88 2.38 -22.84 -16.56
N LEU A 89 3.17 -22.08 -17.32
CA LEU A 89 4.33 -22.58 -18.07
C LEU A 89 5.56 -22.42 -17.20
N LYS A 90 6.47 -23.40 -17.29
CA LYS A 90 7.84 -23.30 -16.75
C LYS A 90 8.76 -23.22 -17.98
N LEU A 91 9.35 -22.05 -18.25
CA LEU A 91 10.30 -21.83 -19.38
C LEU A 91 11.74 -21.92 -18.84
N LYS A 92 12.42 -23.03 -19.10
CA LYS A 92 13.85 -23.18 -18.77
C LYS A 92 14.59 -22.17 -19.65
N VAL A 93 15.41 -21.33 -19.03
CA VAL A 93 16.23 -20.32 -19.76
C VAL A 93 17.71 -20.66 -19.55
N ASP A 94 18.56 -20.06 -20.38
CA ASP A 94 20.03 -20.32 -20.47
C ASP A 94 20.82 -19.63 -19.35
N THR A 95 20.19 -18.73 -18.58
CA THR A 95 20.82 -17.86 -17.56
C THR A 95 20.03 -17.99 -16.26
N ALA A 96 20.69 -18.35 -15.16
CA ALA A 96 20.10 -18.33 -13.80
C ALA A 96 20.04 -16.89 -13.32
N ASN A 97 18.93 -16.48 -12.69
CA ASN A 97 18.68 -15.07 -12.28
C ASN A 97 19.61 -14.75 -11.11
N PRO A 98 20.59 -13.83 -11.29
CA PRO A 98 21.54 -13.54 -10.21
C PRO A 98 20.87 -12.85 -9.02
N LYS A 99 19.65 -12.34 -9.19
CA LYS A 99 18.91 -11.64 -8.11
C LYS A 99 17.87 -12.58 -7.50
N THR A 100 17.95 -13.90 -7.76
CA THR A 100 17.02 -14.91 -7.19
C THR A 100 17.08 -14.85 -5.66
N PRO A 101 15.97 -14.55 -4.95
CA PRO A 101 15.97 -14.47 -3.50
C PRO A 101 15.79 -15.86 -2.92
N LYS A 102 15.89 -15.99 -1.59
CA LYS A 102 15.38 -17.19 -0.90
C LYS A 102 13.87 -17.15 -1.10
N TYR A 103 13.25 -18.29 -1.36
CA TYR A 103 11.79 -18.35 -1.66
C TYR A 103 11.26 -19.74 -1.47
N LYS A 104 9.95 -19.80 -1.18
CA LYS A 104 9.10 -21.00 -1.23
C LYS A 104 7.86 -20.64 -2.04
N PHE A 105 7.17 -21.66 -2.51
CA PHE A 105 5.81 -21.56 -3.06
C PHE A 105 4.84 -22.00 -2.00
N VAL A 106 3.85 -21.17 -1.69
CA VAL A 106 2.85 -21.53 -0.65
C VAL A 106 1.46 -21.29 -1.23
N ARG A 107 0.52 -22.08 -0.79
CA ARG A 107 -0.92 -21.88 -1.14
C ARG A 107 -1.63 -21.36 0.09
N ILE A 108 -2.12 -20.12 0.02
CA ILE A 108 -2.75 -19.48 1.19
C ILE A 108 -4.20 -19.92 1.32
N GLN A 109 -4.72 -19.71 2.52
CA GLN A 109 -6.09 -20.03 2.93
C GLN A 109 -6.90 -18.76 2.82
N PRO A 110 -8.22 -18.88 2.60
CA PRO A 110 -9.12 -17.73 2.61
C PRO A 110 -9.04 -16.97 3.94
N GLY A 111 -9.06 -15.64 3.84
CA GLY A 111 -8.87 -14.74 4.98
C GLY A 111 -7.43 -14.32 5.18
N GLN A 112 -6.47 -15.02 4.58
CA GLN A 112 -5.04 -14.65 4.69
C GLN A 112 -4.72 -13.52 3.70
N THR A 113 -3.71 -12.71 4.04
CA THR A 113 -3.39 -11.48 3.27
C THR A 113 -2.05 -11.72 2.56
N PHE A 114 -1.79 -10.92 1.54
CA PHE A 114 -0.49 -10.94 0.82
C PHE A 114 -0.32 -9.61 0.08
N SER A 115 0.90 -9.33 -0.31
CA SER A 115 1.22 -8.13 -1.12
C SER A 115 1.21 -8.52 -2.60
N VAL A 116 0.67 -7.64 -3.43
CA VAL A 116 0.70 -7.78 -4.91
C VAL A 116 1.73 -6.82 -5.47
N LEU A 117 2.69 -7.30 -6.27
CA LEU A 117 3.50 -6.40 -7.10
C LEU A 117 2.89 -6.34 -8.49
N ALA A 118 2.06 -5.32 -8.77
CA ALA A 118 1.45 -5.15 -10.10
C ALA A 118 2.57 -4.79 -11.08
N CYS A 119 2.68 -5.54 -12.17
CA CYS A 119 3.68 -5.37 -13.24
C CYS A 119 3.01 -5.25 -14.62
N TYR A 120 3.63 -4.50 -15.52
CA TYR A 120 3.25 -4.29 -16.95
C TYR A 120 4.53 -4.35 -17.81
N ASN A 121 4.55 -5.23 -18.81
CA ASN A 121 5.71 -5.34 -19.75
C ASN A 121 6.97 -5.72 -18.95
N GLY A 122 6.84 -6.55 -17.93
CA GLY A 122 7.94 -7.01 -17.08
C GLY A 122 8.47 -5.93 -16.14
N SER A 123 7.82 -4.77 -16.04
CA SER A 123 8.28 -3.62 -15.19
C SER A 123 7.30 -3.42 -14.04
N PRO A 124 7.77 -3.54 -12.78
CA PRO A 124 6.93 -3.33 -11.60
C PRO A 124 6.38 -1.92 -11.55
N SER A 125 5.07 -1.75 -11.34
CA SER A 125 4.42 -0.41 -11.38
C SER A 125 3.84 -0.01 -10.03
N GLY A 126 3.39 -0.94 -9.20
CA GLY A 126 2.89 -0.57 -7.87
C GLY A 126 2.77 -1.78 -6.96
N VAL A 127 2.64 -1.53 -5.66
CA VAL A 127 2.54 -2.58 -4.64
C VAL A 127 1.37 -2.27 -3.70
N TYR A 128 0.54 -3.25 -3.39
CA TYR A 128 -0.58 -3.09 -2.45
C TYR A 128 -0.85 -4.41 -1.76
N GLN A 129 -1.54 -4.32 -0.63
CA GLN A 129 -1.91 -5.47 0.19
C GLN A 129 -3.33 -5.90 -0.21
N CYS A 130 -3.59 -7.20 -0.30
N CYS A 130 -3.52 -7.22 -0.28
CA CYS A 130 -4.98 -7.68 -0.42
CA CYS A 130 -4.78 -7.92 -0.65
C CYS A 130 -5.11 -9.05 0.23
C CYS A 130 -5.14 -8.97 0.41
N ALA A 131 -6.35 -9.52 0.32
CA ALA A 131 -6.73 -10.76 1.01
C ALA A 131 -7.34 -11.75 0.02
N MET A 132 -7.13 -13.01 0.27
CA MET A 132 -7.89 -14.11 -0.36
C MET A 132 -9.27 -14.06 0.28
N ARG A 133 -10.27 -13.75 -0.51
CA ARG A 133 -11.68 -13.69 -0.07
C ARG A 133 -12.14 -15.12 0.20
N PRO A 134 -13.20 -15.27 1.03
CA PRO A 134 -13.77 -16.59 1.30
C PRO A 134 -14.28 -17.30 0.05
N ASN A 135 -14.55 -16.54 -1.02
CA ASN A 135 -14.99 -17.08 -2.32
C ASN A 135 -13.80 -17.31 -3.26
N PHE A 136 -12.56 -17.15 -2.78
CA PHE A 136 -11.30 -17.48 -3.51
C PHE A 136 -11.09 -16.54 -4.71
N THR A 137 -11.69 -15.36 -4.67
CA THR A 137 -11.30 -14.20 -5.50
C THR A 137 -10.43 -13.27 -4.67
N ILE A 138 -9.81 -12.30 -5.33
CA ILE A 138 -9.17 -11.17 -4.62
C ILE A 138 -9.69 -9.88 -5.22
N LYS A 139 -9.77 -8.85 -4.39
CA LYS A 139 -10.13 -7.47 -4.83
C LYS A 139 -8.84 -6.72 -5.14
N GLY A 140 -8.32 -6.90 -6.36
CA GLY A 140 -7.04 -6.35 -6.79
C GLY A 140 -7.28 -5.11 -7.63
N SER A 141 -6.22 -4.56 -8.17
CA SER A 141 -6.25 -3.51 -9.21
C SER A 141 -5.31 -3.96 -10.34
N PHE A 142 -5.91 -4.51 -11.38
CA PHE A 142 -5.19 -5.20 -12.47
C PHE A 142 -5.73 -4.63 -13.79
N LEU A 143 -4.86 -4.12 -14.65
CA LEU A 143 -5.30 -3.75 -16.01
C LEU A 143 -4.82 -4.84 -16.97
N ASN A 144 -5.28 -4.76 -18.23
N ASN A 144 -5.28 -4.78 -18.22
CA ASN A 144 -4.68 -5.45 -19.40
CA ASN A 144 -4.72 -5.64 -19.29
C ASN A 144 -3.15 -5.35 -19.32
C ASN A 144 -3.22 -5.40 -19.37
N GLY A 145 -2.45 -6.48 -19.29
CA GLY A 145 -0.99 -6.44 -19.21
C GLY A 145 -0.52 -6.86 -17.84
N SER A 146 -1.43 -7.03 -16.87
CA SER A 146 -1.03 -7.35 -15.48
C SER A 146 -0.84 -8.85 -15.29
N CYS A 147 -1.33 -9.68 -16.20
CA CYS A 147 -1.21 -11.15 -16.01
C CYS A 147 0.24 -11.57 -15.75
N GLY A 148 0.43 -12.54 -14.85
CA GLY A 148 1.77 -12.99 -14.42
C GLY A 148 2.32 -12.17 -13.27
N SER A 149 1.68 -11.06 -12.89
CA SER A 149 2.02 -10.34 -11.64
C SER A 149 1.84 -11.29 -10.45
N VAL A 150 2.69 -11.20 -9.43
CA VAL A 150 2.65 -12.18 -8.32
C VAL A 150 2.26 -11.53 -6.98
N GLY A 151 1.72 -12.35 -6.11
CA GLY A 151 1.45 -12.03 -4.70
C GLY A 151 2.42 -12.79 -3.83
N PHE A 152 2.77 -12.23 -2.69
CA PHE A 152 3.78 -12.84 -1.80
C PHE A 152 3.64 -12.27 -0.39
N ASN A 153 4.22 -13.03 0.55
CA ASN A 153 4.54 -12.62 1.92
C ASN A 153 6.06 -12.71 2.08
N ILE A 154 6.59 -12.03 3.08
CA ILE A 154 8.04 -12.15 3.39
C ILE A 154 8.13 -12.53 4.87
N ASP A 155 8.98 -13.50 5.16
CA ASP A 155 9.24 -13.92 6.56
C ASP A 155 10.76 -13.94 6.67
N TYR A 156 11.32 -13.17 7.59
CA TYR A 156 12.81 -13.12 7.70
C TYR A 156 13.35 -12.68 6.34
N ASP A 157 14.15 -13.51 5.68
CA ASP A 157 14.73 -13.10 4.38
C ASP A 157 14.11 -13.90 3.24
N CYS A 158 13.07 -14.65 3.53
CA CYS A 158 12.49 -15.60 2.54
C CYS A 158 11.14 -15.12 1.96
N VAL A 159 11.05 -15.08 0.62
CA VAL A 159 9.80 -14.67 -0.07
C VAL A 159 8.90 -15.90 -0.23
N SER A 160 7.69 -15.86 0.32
CA SER A 160 6.69 -16.93 0.11
C SER A 160 5.74 -16.49 -1.02
N PHE A 161 5.92 -16.98 -2.24
CA PHE A 161 5.04 -16.62 -3.38
C PHE A 161 3.73 -17.41 -3.25
N CYS A 162 2.58 -16.72 -3.26
CA CYS A 162 1.28 -17.42 -3.08
C CYS A 162 0.31 -17.12 -4.21
N TYR A 163 0.58 -16.17 -5.09
CA TYR A 163 -0.42 -15.85 -6.13
C TYR A 163 0.24 -15.47 -7.44
N MET A 164 -0.38 -15.89 -8.53
CA MET A 164 -0.02 -15.41 -9.90
C MET A 164 -1.31 -15.00 -10.59
N HIS A 165 -1.33 -13.82 -11.17
CA HIS A 165 -2.59 -13.22 -11.67
C HIS A 165 -2.95 -13.78 -13.05
N HIS A 166 -4.24 -14.11 -13.26
CA HIS A 166 -4.71 -14.65 -14.57
C HIS A 166 -5.93 -13.94 -15.11
N MET A 167 -6.90 -13.55 -14.29
CA MET A 167 -8.18 -13.11 -14.90
C MET A 167 -8.96 -12.12 -14.03
N GLU A 168 -9.89 -11.43 -14.69
CA GLU A 168 -10.83 -10.48 -14.06
C GLU A 168 -12.24 -10.96 -14.34
N LEU A 169 -13.01 -11.13 -13.30
CA LEU A 169 -14.43 -11.56 -13.36
C LEU A 169 -15.31 -10.34 -13.54
N PRO A 170 -16.55 -10.55 -13.99
CA PRO A 170 -17.36 -9.42 -14.43
C PRO A 170 -17.61 -8.35 -13.36
N THR A 171 -17.58 -8.72 -12.08
CA THR A 171 -17.75 -7.77 -10.94
C THR A 171 -16.43 -7.03 -10.65
N GLY A 172 -15.34 -7.37 -11.31
CA GLY A 172 -14.10 -6.59 -11.26
C GLY A 172 -13.18 -7.13 -10.22
N VAL A 173 -13.54 -8.28 -9.62
CA VAL A 173 -12.61 -9.04 -8.75
C VAL A 173 -11.79 -9.98 -9.62
N HIS A 174 -10.79 -10.59 -8.99
CA HIS A 174 -9.67 -11.21 -9.74
C HIS A 174 -9.48 -12.64 -9.30
N ALA A 175 -9.01 -13.43 -10.23
CA ALA A 175 -8.79 -14.85 -9.99
C ALA A 175 -7.39 -15.19 -10.52
N GLY A 176 -6.79 -16.18 -9.90
CA GLY A 176 -5.45 -16.59 -10.30
C GLY A 176 -5.06 -17.85 -9.60
N THR A 177 -3.79 -18.20 -9.73
CA THR A 177 -3.30 -19.53 -9.28
C THR A 177 -2.24 -19.35 -8.19
N ASP A 178 -1.92 -20.45 -7.57
CA ASP A 178 -0.67 -20.53 -6.78
C ASP A 178 0.45 -20.77 -7.79
N LEU A 179 1.69 -20.90 -7.31
CA LEU A 179 2.81 -21.08 -8.24
C LEU A 179 2.97 -22.57 -8.62
N GLU A 180 2.11 -23.46 -8.14
CA GLU A 180 1.97 -24.83 -8.72
C GLU A 180 1.09 -24.74 -9.97
N GLY A 181 0.42 -23.61 -10.21
CA GLY A 181 -0.40 -23.42 -11.40
C GLY A 181 -1.85 -23.78 -11.15
N ASN A 182 -2.22 -24.07 -9.91
CA ASN A 182 -3.62 -24.43 -9.57
C ASN A 182 -4.39 -23.17 -9.19
N PHE A 183 -5.56 -22.97 -9.80
CA PHE A 183 -6.42 -21.84 -9.41
C PHE A 183 -6.80 -21.93 -7.94
N TYR A 184 -6.93 -20.77 -7.35
CA TYR A 184 -7.73 -20.57 -6.13
C TYR A 184 -9.18 -20.59 -6.58
N GLY A 185 -9.94 -21.41 -5.89
CA GLY A 185 -11.36 -21.60 -6.22
C GLY A 185 -11.55 -22.42 -7.51
N PRO A 186 -12.78 -22.38 -8.06
CA PRO A 186 -13.19 -23.24 -9.16
C PRO A 186 -12.92 -22.64 -10.56
N PHE A 187 -12.21 -21.51 -10.63
CA PHE A 187 -11.97 -20.77 -11.89
C PHE A 187 -11.05 -21.59 -12.81
N VAL A 188 -11.28 -21.34 -14.11
CA VAL A 188 -10.58 -21.99 -15.23
C VAL A 188 -10.13 -20.87 -16.18
N ASP A 189 -8.97 -21.07 -16.80
CA ASP A 189 -8.34 -20.07 -17.70
C ASP A 189 -8.91 -20.22 -19.12
N ARG A 190 -10.20 -19.96 -19.25
CA ARG A 190 -10.90 -19.78 -20.55
C ARG A 190 -12.02 -18.77 -20.34
N GLN A 191 -12.49 -18.16 -21.43
CA GLN A 191 -13.46 -17.04 -21.38
C GLN A 191 -14.87 -17.60 -21.48
N THR A 192 -15.14 -18.64 -20.71
CA THR A 192 -16.48 -19.22 -20.46
C THR A 192 -17.10 -18.52 -19.25
N ALA A 193 -18.41 -18.39 -19.18
CA ALA A 193 -19.06 -17.62 -18.10
C ALA A 193 -18.71 -18.25 -16.74
N GLN A 194 -18.24 -17.42 -15.84
CA GLN A 194 -17.82 -17.79 -14.46
C GLN A 194 -18.25 -16.62 -13.60
N ALA A 195 -18.64 -16.88 -12.35
CA ALA A 195 -19.04 -15.81 -11.41
C ALA A 195 -18.46 -16.14 -10.04
N ALA A 196 -18.12 -15.09 -9.33
CA ALA A 196 -17.67 -15.24 -7.94
C ALA A 196 -18.88 -15.73 -7.14
N GLY A 197 -18.58 -16.48 -6.11
CA GLY A 197 -19.58 -16.93 -5.13
C GLY A 197 -19.86 -15.85 -4.10
N THR A 198 -20.61 -16.18 -3.07
CA THR A 198 -21.01 -15.16 -2.07
C THR A 198 -19.80 -14.49 -1.43
N ASP A 199 -19.82 -13.16 -1.34
N ASP A 199 -19.89 -13.16 -1.33
CA ASP A 199 -18.68 -12.47 -0.69
CA ASP A 199 -18.86 -12.26 -0.75
C ASP A 199 -19.05 -12.34 0.78
C ASP A 199 -19.16 -12.23 0.76
N THR A 200 -18.41 -13.13 1.61
N THR A 200 -18.45 -13.05 1.53
CA THR A 200 -18.68 -13.10 3.06
CA THR A 200 -18.61 -13.16 3.00
C THR A 200 -17.58 -12.33 3.77
C THR A 200 -17.57 -12.29 3.72
N THR A 201 -17.93 -11.69 4.86
CA THR A 201 -16.98 -10.87 5.63
C THR A 201 -16.13 -11.76 6.53
N ILE A 202 -14.83 -11.48 6.59
CA ILE A 202 -13.86 -12.32 7.35
C ILE A 202 -13.88 -11.81 8.79
N THR A 203 -14.71 -12.43 9.61
CA THR A 203 -15.04 -11.98 10.99
C THR A 203 -13.76 -11.83 11.81
N VAL A 204 -12.88 -12.83 11.75
CA VAL A 204 -11.68 -12.80 12.62
C VAL A 204 -10.85 -11.57 12.27
N ASN A 205 -10.78 -11.22 11.01
CA ASN A 205 -10.06 -10.00 10.54
C ASN A 205 -10.69 -8.70 11.03
N VAL A 206 -12.01 -8.60 10.98
CA VAL A 206 -12.71 -7.42 11.53
C VAL A 206 -12.37 -7.27 13.01
N LEU A 207 -12.36 -8.38 13.75
CA LEU A 207 -12.05 -8.30 15.19
C LEU A 207 -10.60 -7.87 15.35
N ALA A 208 -9.70 -8.36 14.53
CA ALA A 208 -8.27 -7.94 14.60
C ALA A 208 -8.16 -6.42 14.40
N TRP A 209 -8.96 -5.89 13.50
CA TRP A 209 -8.87 -4.46 13.10
C TRP A 209 -9.45 -3.61 14.24
N LEU A 210 -10.50 -4.07 14.92
CA LEU A 210 -11.05 -3.41 16.13
C LEU A 210 -9.99 -3.41 17.25
N TYR A 211 -9.20 -4.49 17.42
CA TYR A 211 -8.05 -4.48 18.36
C TYR A 211 -7.02 -3.44 17.92
N ALA A 212 -6.68 -3.40 16.62
CA ALA A 212 -5.78 -2.37 16.07
C ALA A 212 -6.28 -0.99 16.43
N ALA A 213 -7.58 -0.70 16.29
CA ALA A 213 -8.19 0.61 16.60
C ALA A 213 -7.94 0.96 18.06
N VAL A 214 -8.15 0.01 18.97
CA VAL A 214 -7.99 0.26 20.42
C VAL A 214 -6.51 0.57 20.69
N ILE A 215 -5.60 -0.18 20.08
CA ILE A 215 -4.13 0.02 20.28
C ILE A 215 -3.79 1.44 19.86
N ASN A 216 -4.45 1.96 18.83
CA ASN A 216 -4.18 3.29 18.21
C ASN A 216 -5.14 4.35 18.76
N GLY A 217 -5.86 4.03 19.84
CA GLY A 217 -6.50 5.04 20.71
C GLY A 217 -7.92 5.31 20.32
N ASP A 218 -8.49 4.55 19.39
CA ASP A 218 -9.94 4.60 19.06
CA ASP A 218 -9.95 4.63 19.09
C ASP A 218 -10.64 3.61 19.99
N ARG A 219 -11.46 4.10 20.92
CA ARG A 219 -12.03 3.29 22.01
C ARG A 219 -13.56 3.40 22.04
N TRP A 220 -14.16 4.27 21.23
CA TRP A 220 -15.56 4.71 21.41
C TRP A 220 -16.50 3.51 21.30
N PHE A 221 -16.15 2.47 20.54
CA PHE A 221 -17.06 1.33 20.25
C PHE A 221 -17.04 0.35 21.42
N LEU A 222 -16.13 0.51 22.39
CA LEU A 222 -15.99 -0.41 23.56
C LEU A 222 -17.19 -0.22 24.48
N ASN A 223 -17.81 -1.31 24.92
CA ASN A 223 -18.99 -1.25 25.81
C ASN A 223 -18.67 -2.14 27.01
N ARG A 224 -19.44 -2.11 28.09
CA ARG A 224 -19.13 -2.94 29.28
C ARG A 224 -19.75 -4.33 29.10
N PHE A 225 -20.21 -4.66 27.88
CA PHE A 225 -20.99 -5.89 27.57
C PHE A 225 -20.06 -7.02 27.10
N THR A 226 -20.53 -8.25 27.33
CA THR A 226 -20.00 -9.47 26.67
C THR A 226 -21.16 -10.23 26.04
N THR A 227 -20.81 -11.19 25.21
CA THR A 227 -21.73 -12.09 24.50
C THR A 227 -21.16 -13.48 24.69
N THR A 228 -21.94 -14.49 24.35
CA THR A 228 -21.44 -15.86 24.13
C THR A 228 -21.06 -15.97 22.67
N LEU A 229 -20.16 -16.89 22.31
CA LEU A 229 -19.81 -17.14 20.91
C LEU A 229 -21.08 -17.54 20.14
N ASN A 230 -21.90 -18.38 20.78
CA ASN A 230 -23.19 -18.89 20.22
C ASN A 230 -24.04 -17.68 19.83
N ASP A 231 -24.22 -16.72 20.73
CA ASP A 231 -25.12 -15.54 20.49
C ASP A 231 -24.50 -14.61 19.44
N PHE A 232 -23.17 -14.45 19.44
CA PHE A 232 -22.47 -13.66 18.41
C PHE A 232 -22.73 -14.25 17.01
N ASN A 233 -22.60 -15.57 16.88
CA ASN A 233 -22.59 -16.21 15.55
C ASN A 233 -24.00 -16.16 14.96
N LEU A 234 -25.02 -16.21 15.80
CA LEU A 234 -26.42 -16.07 15.30
C LEU A 234 -26.54 -14.70 14.63
N VAL A 235 -25.87 -13.67 15.16
CA VAL A 235 -25.91 -12.29 14.57
C VAL A 235 -25.01 -12.25 13.32
N ALA A 236 -23.80 -12.80 13.38
CA ALA A 236 -22.86 -12.89 12.23
C ALA A 236 -23.57 -13.44 10.98
N MET A 237 -24.24 -14.58 11.09
CA MET A 237 -24.95 -15.30 10.00
C MET A 237 -25.86 -14.30 9.26
N LYS A 238 -26.62 -13.53 10.02
CA LYS A 238 -27.63 -12.55 9.55
C LYS A 238 -26.95 -11.46 8.68
N TYR A 239 -25.66 -11.16 8.89
CA TYR A 239 -24.93 -10.09 8.15
C TYR A 239 -23.85 -10.66 7.20
N ASN A 240 -23.95 -11.92 6.77
CA ASN A 240 -23.02 -12.60 5.84
C ASN A 240 -21.59 -12.44 6.36
N TYR A 241 -21.42 -12.60 7.67
CA TYR A 241 -20.11 -12.76 8.34
C TYR A 241 -19.80 -14.28 8.45
N GLU A 242 -18.54 -14.68 8.29
CA GLU A 242 -18.05 -16.05 8.57
C GLU A 242 -18.38 -16.36 10.01
N PRO A 243 -18.78 -17.59 10.36
CA PRO A 243 -18.85 -17.99 11.76
C PRO A 243 -17.49 -17.86 12.47
N LEU A 244 -17.50 -17.43 13.70
CA LEU A 244 -16.25 -17.34 14.48
C LEU A 244 -16.07 -18.68 15.21
N THR A 245 -14.90 -19.30 15.03
CA THR A 245 -14.59 -20.63 15.57
C THR A 245 -13.62 -20.51 16.75
N GLN A 246 -13.38 -21.62 17.44
CA GLN A 246 -12.40 -21.65 18.54
C GLN A 246 -11.02 -21.31 18.01
N ASP A 247 -10.72 -21.75 16.78
CA ASP A 247 -9.38 -21.46 16.17
C ASP A 247 -9.27 -19.95 16.04
N HIS A 248 -10.34 -19.26 15.66
CA HIS A 248 -10.29 -17.79 15.47
C HIS A 248 -10.06 -17.14 16.82
N VAL A 249 -10.81 -17.62 17.83
CA VAL A 249 -10.67 -17.09 19.20
C VAL A 249 -9.21 -17.29 19.64
N ASP A 250 -8.65 -18.46 19.41
CA ASP A 250 -7.23 -18.75 19.74
C ASP A 250 -6.32 -17.73 19.03
N ILE A 251 -6.54 -17.44 17.74
CA ILE A 251 -5.61 -16.56 16.98
C ILE A 251 -5.73 -15.13 17.47
N LEU A 252 -6.90 -14.73 17.98
CA LEU A 252 -7.12 -13.38 18.51
C LEU A 252 -6.59 -13.24 19.93
N GLY A 253 -6.20 -14.35 20.56
CA GLY A 253 -5.73 -14.37 21.95
C GLY A 253 -4.64 -13.33 22.20
N PRO A 254 -3.54 -13.30 21.44
CA PRO A 254 -2.49 -12.31 21.71
C PRO A 254 -2.93 -10.84 21.67
N LEU A 255 -3.85 -10.44 20.77
CA LEU A 255 -4.35 -9.05 20.76
C LEU A 255 -5.23 -8.81 21.99
N SER A 256 -6.07 -9.78 22.37
N SER A 256 -6.06 -9.79 22.38
CA SER A 256 -6.91 -9.74 23.60
CA SER A 256 -6.93 -9.73 23.60
C SER A 256 -6.01 -9.50 24.82
C SER A 256 -6.04 -9.54 24.84
N ALA A 257 -4.88 -10.21 24.88
CA ALA A 257 -3.95 -10.12 26.03
C ALA A 257 -3.27 -8.74 26.05
N GLN A 258 -2.76 -8.29 24.90
CA GLN A 258 -2.10 -6.99 24.74
C GLN A 258 -3.06 -5.87 25.17
N THR A 259 -4.33 -5.90 24.80
CA THR A 259 -5.27 -4.80 25.09
C THR A 259 -6.02 -5.00 26.41
N GLY A 260 -5.92 -6.21 27.00
CA GLY A 260 -6.75 -6.68 28.12
C GLY A 260 -8.24 -6.64 27.80
N ILE A 261 -8.65 -6.69 26.52
CA ILE A 261 -10.10 -6.77 26.18
C ILE A 261 -10.36 -8.20 25.71
N ALA A 262 -11.20 -8.93 26.46
CA ALA A 262 -11.58 -10.33 26.16
C ALA A 262 -12.11 -10.39 24.72
N VAL A 263 -11.84 -11.48 24.04
CA VAL A 263 -12.30 -11.72 22.66
C VAL A 263 -13.83 -11.58 22.63
N LEU A 264 -14.54 -12.20 23.57
CA LEU A 264 -16.03 -12.10 23.56
C LEU A 264 -16.53 -10.69 23.92
N ASP A 265 -15.75 -9.87 24.63
CA ASP A 265 -16.04 -8.44 24.86
C ASP A 265 -15.98 -7.73 23.51
N MET A 266 -14.92 -7.96 22.74
CA MET A 266 -14.79 -7.34 21.39
C MET A 266 -15.91 -7.84 20.48
N CYS A 267 -16.31 -9.10 20.63
CA CYS A 267 -17.45 -9.66 19.87
C CYS A 267 -18.71 -8.86 20.20
N ALA A 268 -18.90 -8.48 21.46
CA ALA A 268 -20.08 -7.70 21.91
C ALA A 268 -20.04 -6.32 21.26
N SER A 269 -18.87 -5.70 21.17
CA SER A 269 -18.67 -4.42 20.44
C SER A 269 -19.02 -4.62 18.97
N LEU A 270 -18.57 -5.70 18.34
CA LEU A 270 -18.88 -5.91 16.90
C LEU A 270 -20.38 -6.13 16.71
N LYS A 271 -21.03 -6.89 17.60
CA LYS A 271 -22.48 -7.20 17.46
C LYS A 271 -23.26 -5.88 17.44
N GLU A 272 -22.96 -4.98 18.37
CA GLU A 272 -23.52 -3.60 18.45
C GLU A 272 -23.23 -2.83 17.14
N LEU A 273 -22.02 -2.87 16.60
CA LEU A 273 -21.68 -2.14 15.34
C LEU A 273 -22.50 -2.73 14.18
N LEU A 274 -22.71 -4.04 14.16
CA LEU A 274 -23.47 -4.65 13.07
C LEU A 274 -24.94 -4.22 13.22
N GLN A 275 -25.46 -4.18 14.45
CA GLN A 275 -26.91 -3.98 14.71
C GLN A 275 -27.27 -2.49 14.58
N ASN A 276 -26.36 -1.58 14.89
CA ASN A 276 -26.64 -0.13 15.10
C ASN A 276 -25.86 0.80 14.16
N GLY A 277 -24.79 0.30 13.50
CA GLY A 277 -23.87 1.15 12.72
C GLY A 277 -22.92 1.94 13.61
N MET A 278 -22.25 2.94 13.02
CA MET A 278 -21.19 3.74 13.69
C MET A 278 -21.79 5.06 14.21
N ASN A 279 -23.04 5.36 13.87
CA ASN A 279 -23.70 6.63 14.29
C ASN A 279 -22.72 7.77 14.01
N GLY A 280 -22.23 7.84 12.76
CA GLY A 280 -21.45 8.95 12.18
C GLY A 280 -20.02 9.00 12.67
N ARG A 281 -19.55 7.98 13.39
CA ARG A 281 -18.11 7.96 13.81
C ARG A 281 -17.34 7.13 12.80
N THR A 282 -16.02 7.14 12.96
CA THR A 282 -15.12 6.35 12.09
C THR A 282 -14.20 5.57 13.01
N ILE A 283 -13.67 4.49 12.48
CA ILE A 283 -12.68 3.67 13.20
C ILE A 283 -11.49 3.63 12.28
N LEU A 284 -10.35 4.14 12.73
CA LEU A 284 -9.09 4.17 11.92
C LEU A 284 -9.36 4.79 10.55
N GLY A 285 -10.17 5.86 10.57
CA GLY A 285 -10.58 6.64 9.39
C GLY A 285 -11.42 5.87 8.38
N SER A 286 -12.06 4.76 8.75
CA SER A 286 -13.06 4.09 7.88
C SER A 286 -14.48 4.28 8.47
N ALA A 287 -15.46 4.37 7.59
CA ALA A 287 -16.89 4.34 7.97
C ALA A 287 -17.45 2.94 7.70
N LEU A 288 -16.62 2.01 7.18
CA LEU A 288 -16.99 0.58 7.03
C LEU A 288 -16.14 -0.28 7.98
N LEU A 289 -16.61 -1.50 8.29
CA LEU A 289 -15.83 -2.50 9.05
C LEU A 289 -14.83 -3.15 8.09
N GLU A 290 -13.54 -3.04 8.35
CA GLU A 290 -12.46 -3.50 7.44
C GLU A 290 -12.09 -4.95 7.76
N ASP A 291 -11.93 -5.77 6.73
CA ASP A 291 -11.74 -7.23 6.96
C ASP A 291 -10.48 -7.71 6.25
N GLU A 292 -9.58 -6.85 5.81
CA GLU A 292 -8.37 -7.34 5.12
C GLU A 292 -7.12 -7.10 5.95
N PHE A 293 -7.22 -7.07 7.28
CA PHE A 293 -6.05 -7.19 8.19
C PHE A 293 -6.20 -8.48 8.97
N THR A 294 -5.20 -9.34 8.96
CA THR A 294 -5.21 -10.52 9.85
C THR A 294 -4.73 -10.09 11.24
N PRO A 295 -4.98 -10.94 12.24
CA PRO A 295 -4.39 -10.73 13.56
C PRO A 295 -2.88 -10.63 13.48
N PHE A 296 -2.26 -11.40 12.60
CA PHE A 296 -0.78 -11.33 12.45
C PHE A 296 -0.38 -9.98 11.84
N ASP A 297 -1.11 -9.49 10.84
CA ASP A 297 -0.84 -8.17 10.22
C ASP A 297 -0.88 -7.09 11.31
N VAL A 298 -1.83 -7.14 12.23
CA VAL A 298 -1.98 -6.10 13.29
C VAL A 298 -0.72 -6.12 14.18
N VAL A 299 -0.40 -7.27 14.73
CA VAL A 299 0.79 -7.41 15.60
C VAL A 299 2.04 -6.94 14.84
N ARG A 300 2.20 -7.34 13.59
CA ARG A 300 3.41 -7.02 12.77
C ARG A 300 3.54 -5.49 12.66
N GLN A 301 2.43 -4.80 12.45
CA GLN A 301 2.43 -3.35 12.17
C GLN A 301 2.63 -2.62 13.49
N CYS A 302 1.93 -3.05 14.55
CA CYS A 302 1.97 -2.35 15.86
C CYS A 302 3.27 -2.72 16.61
N SER A 303 4.06 -3.71 16.17
CA SER A 303 5.34 -4.11 16.81
C SER A 303 6.56 -3.82 15.90
N GLY A 304 6.37 -3.39 14.65
CA GLY A 304 7.42 -2.84 13.77
C GLY A 304 8.38 -3.91 13.29
N VAL A 305 7.87 -5.07 12.87
CA VAL A 305 8.71 -6.20 12.37
C VAL A 305 9.26 -5.79 11.00
N THR A 306 10.56 -6.06 10.76
CA THR A 306 11.30 -5.72 9.52
C THR A 306 11.80 -6.99 8.82
N PHE A 307 12.25 -6.81 7.58
CA PHE A 307 12.78 -7.88 6.70
C PHE A 307 14.12 -7.38 6.15
N GLN A 308 15.21 -8.05 6.54
CA GLN A 308 16.62 -7.78 6.10
C GLN A 308 16.91 -6.27 6.17
N HIS B 1 -15.95 -5.76 -15.78
CA HIS B 1 -15.77 -4.28 -15.71
C HIS B 1 -14.79 -3.96 -14.58
N MET B 2 -13.73 -3.22 -14.88
CA MET B 2 -12.75 -2.91 -13.81
C MET B 2 -13.44 -2.10 -12.72
N SER B 3 -13.24 -2.48 -11.46
CA SER B 3 -13.80 -1.70 -10.33
C SER B 3 -12.87 -1.76 -9.12
N GLY B 4 -11.60 -2.07 -9.34
CA GLY B 4 -10.65 -2.36 -8.25
C GLY B 4 -9.74 -1.22 -7.82
N PHE B 5 -10.09 0.03 -8.13
CA PHE B 5 -9.22 1.18 -7.80
C PHE B 5 -8.84 1.10 -6.31
N ARG B 6 -7.54 0.94 -6.07
CA ARG B 6 -6.90 0.71 -4.74
C ARG B 6 -5.82 1.77 -4.45
N LYS B 7 -5.49 1.96 -3.19
CA LYS B 7 -4.35 2.82 -2.80
C LYS B 7 -3.13 2.00 -3.17
N MET B 8 -2.24 2.55 -3.96
CA MET B 8 -1.09 1.77 -4.48
C MET B 8 0.18 2.58 -4.26
N ALA B 9 1.19 1.94 -3.71
CA ALA B 9 2.51 2.55 -3.48
C ALA B 9 3.44 2.18 -4.64
N PHE B 10 4.48 2.99 -4.85
CA PHE B 10 5.61 2.63 -5.75
C PHE B 10 6.35 1.41 -5.23
N PRO B 11 6.88 0.54 -6.14
CA PRO B 11 7.79 -0.54 -5.79
C PRO B 11 8.97 0.09 -5.03
N SER B 12 9.40 -0.52 -3.93
CA SER B 12 10.27 0.10 -2.90
C SER B 12 11.74 -0.28 -3.10
N GLY B 13 12.05 -1.12 -4.09
CA GLY B 13 13.40 -1.73 -4.18
C GLY B 13 14.52 -0.70 -4.27
N LYS B 14 14.37 0.29 -5.15
CA LYS B 14 15.39 1.33 -5.38
C LYS B 14 15.68 2.07 -4.06
N VAL B 15 14.68 2.26 -3.21
CA VAL B 15 14.83 2.93 -1.88
C VAL B 15 15.39 1.97 -0.83
N GLU B 16 15.00 0.69 -0.82
CA GLU B 16 15.46 -0.31 0.16
C GLU B 16 17.00 -0.35 0.21
N GLY B 17 17.63 -0.30 -0.96
CA GLY B 17 19.10 -0.34 -1.08
C GLY B 17 19.77 0.89 -0.49
N CYS B 18 19.01 1.93 -0.10
CA CYS B 18 19.58 3.19 0.43
C CYS B 18 19.43 3.29 1.95
N MET B 19 18.72 2.35 2.58
CA MET B 19 18.41 2.49 4.03
C MET B 19 19.53 1.93 4.88
N VAL B 20 19.93 2.69 5.90
CA VAL B 20 20.96 2.29 6.87
C VAL B 20 20.48 2.69 8.27
N GLN B 21 21.16 2.14 9.25
CA GLN B 21 20.93 2.41 10.68
C GLN B 21 21.98 3.42 11.13
N VAL B 22 21.57 4.46 11.86
CA VAL B 22 22.50 5.46 12.45
C VAL B 22 22.29 5.46 13.96
N THR B 23 23.36 5.31 14.73
CA THR B 23 23.29 5.28 16.20
C THR B 23 24.19 6.38 16.74
N CYS B 24 23.66 7.21 17.62
CA CYS B 24 24.42 8.25 18.36
C CYS B 24 24.06 8.10 19.84
N GLY B 25 25.04 7.74 20.67
CA GLY B 25 24.83 7.38 22.09
C GLY B 25 23.96 6.14 22.19
N THR B 26 22.73 6.27 22.69
CA THR B 26 21.76 5.14 22.81
C THR B 26 20.57 5.35 21.86
N THR B 27 20.61 6.37 21.00
CA THR B 27 19.54 6.70 20.02
C THR B 27 19.88 6.06 18.68
N THR B 28 19.00 5.16 18.20
CA THR B 28 19.15 4.47 16.91
C THR B 28 17.96 4.88 16.04
N LEU B 29 18.24 5.36 14.84
CA LEU B 29 17.17 5.59 13.84
C LEU B 29 17.71 5.33 12.44
N ASN B 30 16.95 5.70 11.42
CA ASN B 30 17.28 5.32 10.04
C ASN B 30 18.01 6.49 9.37
N GLY B 31 18.81 6.17 8.38
CA GLY B 31 19.47 7.13 7.48
C GLY B 31 19.32 6.73 6.04
N LEU B 32 19.43 7.70 5.15
CA LEU B 32 19.41 7.50 3.68
C LEU B 32 20.83 7.64 3.11
N TRP B 33 21.37 6.56 2.54
CA TRP B 33 22.77 6.44 2.00
C TRP B 33 22.75 6.60 0.48
N LEU B 34 23.15 7.77 0.00
CA LEU B 34 23.22 8.12 -1.43
C LEU B 34 24.66 8.57 -1.73
N ASP B 35 25.33 7.94 -2.69
CA ASP B 35 26.75 8.27 -3.03
C ASP B 35 27.50 8.06 -1.72
N ASP B 36 28.34 9.00 -1.28
CA ASP B 36 29.12 8.73 -0.04
C ASP B 36 28.53 9.51 1.15
N VAL B 37 27.24 9.84 1.12
CA VAL B 37 26.62 10.64 2.21
C VAL B 37 25.46 9.84 2.82
N VAL B 38 25.29 9.94 4.14
CA VAL B 38 24.09 9.42 4.85
C VAL B 38 23.35 10.61 5.44
N TYR B 39 22.06 10.73 5.14
CA TYR B 39 21.20 11.81 5.66
C TYR B 39 20.39 11.24 6.81
N CYS B 40 20.30 11.93 7.93
CA CYS B 40 19.38 11.48 9.01
C CYS B 40 18.91 12.68 9.78
N PRO B 41 17.86 12.48 10.60
CA PRO B 41 17.33 13.57 11.42
C PRO B 41 18.38 14.04 12.42
N ARG B 42 18.47 15.36 12.59
CA ARG B 42 19.55 15.89 13.43
C ARG B 42 19.32 15.49 14.89
N HIS B 43 18.07 15.21 15.32
CA HIS B 43 17.76 14.84 16.73
C HIS B 43 18.28 13.46 17.09
N VAL B 44 19.01 12.79 16.19
CA VAL B 44 19.79 11.60 16.57
C VAL B 44 20.79 11.99 17.68
N ILE B 45 21.23 13.24 17.78
CA ILE B 45 22.25 13.64 18.82
C ILE B 45 21.57 14.02 20.15
N CYS B 46 20.25 13.95 20.25
CA CYS B 46 19.55 14.38 21.48
C CYS B 46 19.65 13.29 22.56
N THR B 47 19.50 13.73 23.80
CA THR B 47 19.42 12.83 24.97
C THR B 47 18.01 12.98 25.51
N SER B 48 17.56 11.96 26.23
CA SER B 48 16.18 11.82 26.72
C SER B 48 15.76 12.99 27.59
N GLU B 49 16.67 13.57 28.36
CA GLU B 49 16.32 14.68 29.28
C GLU B 49 16.39 16.03 28.59
N ASP B 50 16.81 16.10 27.33
CA ASP B 50 16.98 17.43 26.69
C ASP B 50 16.23 17.47 25.35
N MET B 51 15.00 17.00 25.35
CA MET B 51 14.14 16.88 24.13
C MET B 51 13.19 18.06 24.02
N LEU B 52 13.03 18.82 25.09
N LEU B 52 13.00 18.81 25.10
CA LEU B 52 12.02 19.91 25.20
CA LEU B 52 12.02 19.92 25.18
C LEU B 52 12.52 21.14 24.43
C LEU B 52 12.54 21.11 24.36
N ASN B 53 13.81 21.46 24.52
CA ASN B 53 14.37 22.69 23.92
C ASN B 53 15.84 22.46 23.58
N PRO B 54 16.20 21.46 22.74
CA PRO B 54 17.60 21.19 22.45
C PRO B 54 18.21 22.42 21.74
N ASN B 55 19.43 22.76 22.13
CA ASN B 55 20.25 23.73 21.37
C ASN B 55 21.19 22.90 20.50
N TYR B 56 20.84 22.72 19.24
CA TYR B 56 21.55 21.76 18.35
C TYR B 56 22.98 22.23 18.15
N GLU B 57 23.22 23.53 17.99
CA GLU B 57 24.62 24.02 17.86
C GLU B 57 25.41 23.62 19.12
N ASP B 58 24.85 23.83 20.32
CA ASP B 58 25.55 23.47 21.58
C ASP B 58 25.76 21.95 21.60
N LEU B 59 24.74 21.18 21.20
CA LEU B 59 24.84 19.70 21.27
C LEU B 59 25.97 19.19 20.36
N LEU B 60 26.23 19.86 19.23
CA LEU B 60 27.26 19.41 18.26
C LEU B 60 28.66 19.76 18.76
N ILE B 61 28.77 20.64 19.76
CA ILE B 61 30.12 20.95 20.32
C ILE B 61 30.77 19.64 20.82
N ARG B 62 29.99 18.73 21.41
CA ARG B 62 30.47 17.48 22.06
C ARG B 62 30.34 16.27 21.11
N LYS B 63 30.32 16.46 19.78
CA LYS B 63 30.15 15.36 18.80
C LYS B 63 31.32 15.30 17.83
N SER B 64 31.94 14.12 17.71
CA SER B 64 33.02 13.74 16.76
C SER B 64 32.45 12.75 15.72
N ASN B 65 33.19 12.50 14.65
CA ASN B 65 32.81 11.55 13.58
C ASN B 65 32.58 10.20 14.23
N HIS B 66 33.47 9.80 15.15
CA HIS B 66 33.41 8.46 15.80
C HIS B 66 32.20 8.34 16.74
N ASN B 67 31.41 9.41 17.01
CA ASN B 67 30.20 9.30 17.87
C ASN B 67 28.99 8.81 17.04
N PHE B 68 29.15 8.70 15.72
CA PHE B 68 28.08 8.25 14.78
C PHE B 68 28.42 6.84 14.27
N LEU B 69 27.66 5.84 14.68
CA LEU B 69 27.74 4.46 14.14
C LEU B 69 26.73 4.33 13.00
N VAL B 70 27.20 4.02 11.79
CA VAL B 70 26.36 3.77 10.58
C VAL B 70 26.55 2.32 10.14
N GLN B 71 25.44 1.60 9.93
CA GLN B 71 25.43 0.16 9.58
C GLN B 71 24.47 -0.06 8.42
N ALA B 72 25.01 -0.53 7.31
CA ALA B 72 24.25 -0.88 6.09
C ALA B 72 24.10 -2.40 6.16
N GLY B 73 22.91 -2.89 6.49
CA GLY B 73 22.82 -4.34 6.76
C GLY B 73 23.70 -4.64 7.95
N ASN B 74 24.72 -5.47 7.76
CA ASN B 74 25.62 -5.81 8.89
C ASN B 74 27.01 -5.23 8.62
N VAL B 75 27.13 -4.40 7.59
CA VAL B 75 28.39 -3.75 7.14
C VAL B 75 28.51 -2.42 7.88
N GLN B 76 29.54 -2.25 8.70
CA GLN B 76 29.89 -0.96 9.37
C GLN B 76 30.43 -0.01 8.30
N LEU B 77 29.84 1.18 8.19
CA LEU B 77 30.33 2.32 7.36
C LEU B 77 31.04 3.32 8.27
N ARG B 78 32.31 3.63 7.98
N ARG B 78 32.29 3.65 7.94
CA ARG B 78 33.12 4.58 8.76
CA ARG B 78 33.15 4.59 8.71
C ARG B 78 32.66 6.00 8.42
C ARG B 78 32.68 6.02 8.41
N VAL B 79 32.28 6.78 9.44
CA VAL B 79 31.95 8.21 9.30
C VAL B 79 33.28 8.98 9.26
N ILE B 80 33.55 9.69 8.16
CA ILE B 80 34.80 10.48 7.99
C ILE B 80 34.46 11.96 7.97
N GLY B 81 33.21 12.35 8.17
CA GLY B 81 32.84 13.77 8.25
C GLY B 81 31.41 13.87 8.73
N HIS B 82 31.02 14.99 9.33
CA HIS B 82 29.60 15.22 9.71
C HIS B 82 29.31 16.71 9.62
N SER B 83 28.12 17.11 9.18
CA SER B 83 27.68 18.51 9.20
C SER B 83 26.19 18.52 9.47
N MET B 84 25.70 19.62 10.00
CA MET B 84 24.26 19.87 10.18
C MET B 84 23.80 20.77 9.04
N GLN B 85 22.69 20.39 8.38
CA GLN B 85 22.06 21.23 7.35
C GLN B 85 20.58 21.31 7.69
N ASN B 86 20.12 22.48 8.10
CA ASN B 86 18.70 22.63 8.51
C ASN B 86 18.46 21.60 9.62
N CYS B 87 17.45 20.74 9.48
CA CYS B 87 17.07 19.74 10.51
C CYS B 87 17.60 18.36 10.17
N VAL B 88 18.60 18.21 9.30
CA VAL B 88 19.25 16.90 9.05
C VAL B 88 20.73 17.01 9.32
N LEU B 89 21.34 15.86 9.59
CA LEU B 89 22.80 15.69 9.51
C LEU B 89 23.13 15.05 8.17
N LYS B 90 24.31 15.38 7.70
CA LYS B 90 24.96 14.75 6.53
C LYS B 90 26.22 14.09 7.07
N LEU B 91 26.20 12.78 7.11
CA LEU B 91 27.39 11.98 7.51
C LEU B 91 28.13 11.58 6.23
N LYS B 92 29.33 12.11 6.05
CA LYS B 92 30.20 11.63 4.95
C LYS B 92 30.77 10.29 5.40
N VAL B 93 30.57 9.25 4.57
CA VAL B 93 31.09 7.87 4.82
C VAL B 93 32.21 7.54 3.81
N ASP B 94 33.00 6.50 4.11
CA ASP B 94 34.25 6.13 3.37
C ASP B 94 33.93 5.35 2.09
N THR B 95 32.68 4.89 1.93
CA THR B 95 32.24 4.01 0.82
C THR B 95 31.02 4.62 0.13
N ALA B 96 31.06 4.77 -1.18
CA ALA B 96 29.89 5.26 -1.94
C ALA B 96 28.91 4.08 -2.06
N ASN B 97 27.61 4.36 -1.99
CA ASN B 97 26.59 3.29 -2.00
C ASN B 97 26.54 2.75 -3.43
N PRO B 98 26.87 1.46 -3.66
CA PRO B 98 26.82 0.92 -5.03
C PRO B 98 25.37 0.77 -5.54
N LYS B 99 24.38 0.87 -4.66
CA LYS B 99 22.94 0.76 -5.03
C LYS B 99 22.25 2.15 -5.08
N THR B 100 23.02 3.23 -5.21
CA THR B 100 22.45 4.59 -5.32
C THR B 100 21.66 4.63 -6.61
N PRO B 101 20.34 4.91 -6.56
CA PRO B 101 19.56 5.09 -7.77
C PRO B 101 19.81 6.48 -8.37
N LYS B 102 19.49 6.66 -9.65
CA LYS B 102 19.20 8.01 -10.18
C LYS B 102 18.15 8.62 -9.23
N TYR B 103 18.43 9.79 -8.70
CA TYR B 103 17.54 10.43 -7.71
C TYR B 103 17.59 11.94 -7.83
N LYS B 104 16.56 12.55 -7.25
CA LYS B 104 16.43 14.00 -7.08
C LYS B 104 15.76 14.22 -5.73
N PHE B 105 16.05 15.36 -5.13
CA PHE B 105 15.34 15.86 -3.94
C PHE B 105 14.31 16.87 -4.42
N VAL B 106 13.05 16.66 -4.08
CA VAL B 106 11.95 17.59 -4.49
C VAL B 106 11.18 17.99 -3.24
N ARG B 107 10.61 19.17 -3.29
CA ARG B 107 9.70 19.67 -2.26
C ARG B 107 8.29 19.42 -2.77
N ILE B 108 7.45 18.69 -2.05
CA ILE B 108 6.04 18.55 -2.47
C ILE B 108 5.19 19.62 -1.81
N GLN B 109 4.00 19.78 -2.39
CA GLN B 109 2.99 20.75 -1.97
C GLN B 109 1.79 19.97 -1.47
N PRO B 110 0.98 20.60 -0.59
CA PRO B 110 -0.25 20.00 -0.08
C PRO B 110 -1.14 19.47 -1.20
N GLY B 111 -1.70 18.29 -0.95
CA GLY B 111 -2.49 17.56 -1.94
C GLY B 111 -1.69 16.54 -2.69
N GLN B 112 -0.37 16.67 -2.79
CA GLN B 112 0.44 15.73 -3.61
C GLN B 112 0.69 14.45 -2.79
N THR B 113 0.85 13.32 -3.46
CA THR B 113 0.92 11.98 -2.86
C THR B 113 2.36 11.49 -2.98
N PHE B 114 2.71 10.50 -2.20
CA PHE B 114 4.06 9.88 -2.26
C PHE B 114 3.99 8.59 -1.46
N SER B 115 4.92 7.67 -1.71
CA SER B 115 5.05 6.38 -1.02
C SER B 115 6.01 6.55 0.15
N VAL B 116 5.72 5.89 1.26
CA VAL B 116 6.61 5.82 2.45
C VAL B 116 7.12 4.40 2.61
N LEU B 117 8.43 4.25 2.75
CA LEU B 117 9.06 2.97 3.12
C LEU B 117 9.37 3.05 4.60
N ALA B 118 8.47 2.53 5.42
CA ALA B 118 8.61 2.52 6.88
C ALA B 118 9.76 1.55 7.21
N CYS B 119 10.74 2.04 7.96
N CYS B 119 10.67 2.02 8.05
CA CYS B 119 11.90 1.22 8.37
CA CYS B 119 11.97 1.35 8.35
C CYS B 119 12.16 1.33 9.88
C CYS B 119 12.26 1.38 9.86
N TYR B 120 12.80 0.30 10.43
CA TYR B 120 13.20 0.19 11.86
C TYR B 120 14.62 -0.37 11.84
N ASN B 121 15.56 0.25 12.54
CA ASN B 121 16.97 -0.24 12.62
C ASN B 121 17.60 -0.42 11.23
N GLY B 122 17.33 0.50 10.28
CA GLY B 122 17.79 0.47 8.89
C GLY B 122 17.26 -0.70 8.05
N SER B 123 16.18 -1.36 8.46
CA SER B 123 15.56 -2.50 7.76
C SER B 123 14.12 -2.16 7.36
N PRO B 124 13.76 -2.33 6.08
CA PRO B 124 12.40 -2.08 5.59
C PRO B 124 11.34 -2.95 6.28
N SER B 125 10.24 -2.35 6.75
CA SER B 125 9.09 -3.09 7.33
C SER B 125 7.88 -3.03 6.40
N GLY B 126 7.62 -1.93 5.74
CA GLY B 126 6.45 -1.89 4.87
C GLY B 126 6.36 -0.62 4.05
N VAL B 127 5.46 -0.65 3.07
CA VAL B 127 5.36 0.44 2.09
C VAL B 127 3.88 0.80 1.97
N TYR B 128 3.61 2.09 1.94
CA TYR B 128 2.21 2.56 1.78
C TYR B 128 2.22 3.95 1.17
N GLN B 129 1.05 4.35 0.67
CA GLN B 129 0.84 5.64 -0.02
C GLN B 129 0.29 6.67 0.96
N CYS B 130 0.85 7.89 0.95
CA CYS B 130 0.48 9.06 1.80
C CYS B 130 0.15 10.25 0.92
N ALA B 131 -0.49 11.26 1.49
CA ALA B 131 -0.60 12.58 0.84
C ALA B 131 -0.12 13.64 1.82
N MET B 132 0.46 14.73 1.32
CA MET B 132 0.84 15.92 2.15
C MET B 132 -0.52 16.61 2.38
N ARG B 133 -0.98 16.65 3.63
CA ARG B 133 -2.30 17.25 3.93
C ARG B 133 -2.18 18.76 3.84
N PRO B 134 -3.33 19.48 3.78
CA PRO B 134 -3.29 20.94 3.78
C PRO B 134 -2.61 21.53 5.01
N ASN B 135 -2.63 20.83 6.15
CA ASN B 135 -2.07 21.31 7.44
C ASN B 135 -0.61 20.83 7.52
N PHE B 136 -0.07 20.27 6.43
CA PHE B 136 1.36 19.89 6.30
C PHE B 136 1.75 18.74 7.24
N THR B 137 0.78 17.91 7.58
CA THR B 137 0.98 16.61 8.24
C THR B 137 0.74 15.52 7.20
N ILE B 138 1.14 14.30 7.54
CA ILE B 138 0.76 13.08 6.79
C ILE B 138 0.18 12.08 7.78
N LYS B 139 -0.78 11.32 7.31
CA LYS B 139 -1.42 10.22 8.07
C LYS B 139 -0.60 8.98 7.74
N GLY B 140 0.48 8.78 8.49
CA GLY B 140 1.37 7.65 8.29
C GLY B 140 1.12 6.59 9.32
N SER B 141 2.01 5.64 9.34
CA SER B 141 2.04 4.54 10.32
C SER B 141 3.50 4.39 10.75
N PHE B 142 3.82 5.00 11.87
CA PHE B 142 5.21 5.20 12.34
C PHE B 142 5.25 4.93 13.84
N LEU B 143 6.21 4.11 14.26
CA LEU B 143 6.45 3.79 15.68
C LEU B 143 7.79 4.43 16.10
N ASN B 144 8.07 4.43 17.39
CA ASN B 144 9.45 4.65 17.90
C ASN B 144 10.44 3.79 17.10
N GLY B 145 11.44 4.44 16.53
CA GLY B 145 12.51 3.82 15.71
C GLY B 145 12.33 4.07 14.20
N SER B 146 11.21 4.68 13.78
CA SER B 146 10.90 4.94 12.35
C SER B 146 11.52 6.25 11.87
N CYS B 147 11.97 7.13 12.75
CA CYS B 147 12.62 8.40 12.27
C CYS B 147 13.69 8.10 11.20
N GLY B 148 13.77 8.96 10.19
CA GLY B 148 14.69 8.76 9.08
C GLY B 148 14.12 7.92 7.96
N SER B 149 12.97 7.27 8.15
CA SER B 149 12.18 6.66 7.03
C SER B 149 11.87 7.76 6.01
N VAL B 150 11.84 7.44 4.73
CA VAL B 150 11.68 8.45 3.64
C VAL B 150 10.41 8.19 2.85
N GLY B 151 9.94 9.27 2.25
CA GLY B 151 8.84 9.25 1.28
C GLY B 151 9.38 9.63 -0.07
N PHE B 152 8.81 9.08 -1.14
CA PHE B 152 9.36 9.22 -2.49
C PHE B 152 8.29 8.98 -3.55
N ASN B 153 8.60 9.41 -4.76
CA ASN B 153 7.87 9.05 -5.98
C ASN B 153 8.89 8.47 -6.95
N ILE B 154 8.45 7.62 -7.87
CA ILE B 154 9.36 7.09 -8.92
C ILE B 154 8.79 7.52 -10.27
N ASP B 155 9.63 8.16 -11.07
CA ASP B 155 9.25 8.79 -12.37
C ASP B 155 10.32 8.38 -13.36
N TYR B 156 9.96 7.57 -14.37
CA TYR B 156 10.95 6.93 -15.27
C TYR B 156 11.81 6.04 -14.37
N ASP B 157 13.13 6.14 -14.44
CA ASP B 157 14.04 5.37 -13.54
C ASP B 157 14.50 6.28 -12.38
N CYS B 158 13.91 7.47 -12.23
CA CYS B 158 14.36 8.50 -11.26
C CYS B 158 13.54 8.42 -9.96
N VAL B 159 14.23 8.27 -8.85
CA VAL B 159 13.59 8.35 -7.50
C VAL B 159 13.62 9.80 -7.04
N SER B 160 12.46 10.39 -6.82
CA SER B 160 12.30 11.74 -6.26
C SER B 160 11.99 11.59 -4.76
N PHE B 161 12.96 11.82 -3.90
CA PHE B 161 12.75 11.78 -2.43
C PHE B 161 12.07 13.07 -2.04
N CYS B 162 10.99 13.00 -1.26
CA CYS B 162 10.27 14.24 -0.87
C CYS B 162 10.15 14.34 0.64
N TYR B 163 10.35 13.26 1.39
CA TYR B 163 9.97 13.30 2.83
C TYR B 163 10.98 12.50 3.63
N MET B 164 11.33 13.01 4.80
CA MET B 164 12.05 12.22 5.82
C MET B 164 11.30 12.37 7.15
N HIS B 165 11.11 11.27 7.87
CA HIS B 165 10.20 11.26 9.05
C HIS B 165 10.92 11.79 10.32
N HIS B 166 10.27 12.72 11.05
CA HIS B 166 10.81 13.28 12.32
C HIS B 166 9.88 13.12 13.51
N MET B 167 8.55 13.25 13.40
CA MET B 167 7.77 13.39 14.66
C MET B 167 6.31 12.96 14.51
N GLU B 168 5.71 12.67 15.65
CA GLU B 168 4.29 12.27 15.73
C GLU B 168 3.57 13.31 16.59
N LEU B 169 2.55 13.93 16.04
CA LEU B 169 1.73 14.92 16.76
C LEU B 169 0.61 14.21 17.52
N PRO B 170 0.07 14.87 18.57
CA PRO B 170 -0.81 14.20 19.53
C PRO B 170 -2.07 13.54 18.93
N THR B 171 -2.51 13.98 17.75
CA THR B 171 -3.65 13.38 17.01
C THR B 171 -3.17 12.18 16.17
N GLY B 172 -1.91 11.78 16.31
CA GLY B 172 -1.33 10.56 15.75
C GLY B 172 -1.05 10.72 14.28
N VAL B 173 -0.96 11.97 13.83
CA VAL B 173 -0.47 12.29 12.46
C VAL B 173 1.01 12.65 12.58
N HIS B 174 1.66 12.84 11.43
CA HIS B 174 3.13 12.80 11.33
C HIS B 174 3.67 14.06 10.65
N ALA B 175 4.82 14.51 11.10
CA ALA B 175 5.48 15.72 10.58
C ALA B 175 6.93 15.38 10.27
N GLY B 176 7.44 16.03 9.24
CA GLY B 176 8.83 15.76 8.86
C GLY B 176 9.32 16.79 7.87
N THR B 177 10.48 16.49 7.31
CA THR B 177 11.22 17.42 6.45
C THR B 177 11.30 16.89 5.03
N ASP B 178 11.74 17.75 4.12
CA ASP B 178 12.21 17.31 2.81
C ASP B 178 13.66 16.84 3.01
N LEU B 179 14.33 16.46 1.94
CA LEU B 179 15.71 15.90 2.07
C LEU B 179 16.74 17.01 2.09
N GLU B 180 16.32 18.28 2.04
CA GLU B 180 17.18 19.46 2.35
C GLU B 180 17.15 19.69 3.88
N GLY B 181 16.24 19.05 4.59
CA GLY B 181 16.12 19.19 6.05
C GLY B 181 15.18 20.30 6.50
N ASN B 182 14.35 20.83 5.60
CA ASN B 182 13.36 21.88 5.97
C ASN B 182 12.02 21.20 6.23
N PHE B 183 11.43 21.49 7.40
CA PHE B 183 10.09 21.00 7.79
C PHE B 183 9.10 21.40 6.72
N TYR B 184 8.20 20.47 6.48
CA TYR B 184 6.86 20.79 5.94
C TYR B 184 6.08 21.50 7.01
N GLY B 185 5.43 22.60 6.65
CA GLY B 185 4.57 23.30 7.60
C GLY B 185 5.38 24.04 8.66
N PRO B 186 4.72 24.39 9.76
CA PRO B 186 5.33 25.23 10.79
C PRO B 186 6.08 24.47 11.90
N PHE B 187 6.26 23.16 11.74
CA PHE B 187 6.69 22.28 12.85
C PHE B 187 8.19 22.51 13.11
N VAL B 188 8.62 22.30 14.35
CA VAL B 188 10.05 22.32 14.79
C VAL B 188 10.39 20.98 15.47
N ASP B 189 11.66 20.58 15.39
CA ASP B 189 12.14 19.29 15.95
C ASP B 189 12.51 19.49 17.42
N ARG B 190 11.51 19.79 18.22
CA ARG B 190 11.64 19.87 19.70
C ARG B 190 10.29 19.48 20.29
N GLN B 191 10.30 18.99 21.52
CA GLN B 191 9.09 18.47 22.16
C GLN B 191 8.36 19.59 22.89
N THR B 192 8.26 20.77 22.27
CA THR B 192 7.42 21.90 22.73
C THR B 192 6.04 21.67 22.13
N ALA B 193 4.99 22.11 22.81
CA ALA B 193 3.58 21.90 22.40
C ALA B 193 3.40 22.37 20.96
N GLN B 194 2.96 21.50 20.07
CA GLN B 194 2.65 21.80 18.66
C GLN B 194 1.39 21.02 18.32
N ALA B 195 0.51 21.62 17.52
CA ALA B 195 -0.74 20.95 17.09
C ALA B 195 -0.86 21.07 15.57
N ALA B 196 -1.33 20.00 14.94
CA ALA B 196 -1.71 20.05 13.51
C ALA B 196 -2.84 21.09 13.35
N GLY B 197 -2.79 21.94 12.33
CA GLY B 197 -3.98 22.77 11.97
C GLY B 197 -5.22 21.90 11.85
N THR B 198 -6.41 22.48 11.99
CA THR B 198 -7.66 21.82 11.55
C THR B 198 -7.36 21.04 10.26
N ASP B 199 -7.64 19.75 10.21
CA ASP B 199 -7.54 18.97 8.95
C ASP B 199 -8.69 19.46 8.07
N THR B 200 -8.39 19.75 6.83
CA THR B 200 -9.37 20.08 5.77
C THR B 200 -9.19 19.06 4.64
N THR B 201 -10.20 18.94 3.81
CA THR B 201 -10.31 17.89 2.79
C THR B 201 -9.80 18.45 1.47
N ILE B 202 -9.00 17.64 0.76
CA ILE B 202 -8.37 18.07 -0.50
C ILE B 202 -9.38 17.90 -1.64
N THR B 203 -10.08 18.98 -1.97
CA THR B 203 -11.26 18.98 -2.83
C THR B 203 -10.91 18.49 -4.24
N VAL B 204 -9.77 18.93 -4.79
CA VAL B 204 -9.37 18.58 -6.18
C VAL B 204 -9.16 17.06 -6.21
N ASN B 205 -8.58 16.50 -5.14
CA ASN B 205 -8.40 15.01 -5.04
C ASN B 205 -9.73 14.26 -4.91
N VAL B 206 -10.67 14.75 -4.10
CA VAL B 206 -12.00 14.09 -4.01
C VAL B 206 -12.66 14.03 -5.40
N LEU B 207 -12.60 15.12 -6.16
CA LEU B 207 -13.18 15.17 -7.52
C LEU B 207 -12.44 14.19 -8.44
N ALA B 208 -11.13 14.06 -8.32
CA ALA B 208 -10.39 13.07 -9.14
C ALA B 208 -10.89 11.66 -8.80
N TRP B 209 -11.12 11.37 -7.53
CA TRP B 209 -11.57 10.04 -7.07
C TRP B 209 -13.01 9.78 -7.54
N LEU B 210 -13.86 10.80 -7.58
CA LEU B 210 -15.23 10.63 -8.16
C LEU B 210 -15.12 10.33 -9.67
N TYR B 211 -14.14 10.90 -10.38
CA TYR B 211 -13.88 10.54 -11.80
C TYR B 211 -13.40 9.06 -11.88
N ALA B 212 -12.43 8.67 -11.02
CA ALA B 212 -12.01 7.25 -10.92
C ALA B 212 -13.25 6.37 -10.77
N ALA B 213 -14.20 6.74 -9.89
CA ALA B 213 -15.39 5.93 -9.56
C ALA B 213 -16.20 5.75 -10.84
N VAL B 214 -16.34 6.80 -11.65
CA VAL B 214 -17.12 6.75 -12.92
C VAL B 214 -16.41 5.80 -13.88
N ILE B 215 -15.10 5.93 -14.02
CA ILE B 215 -14.29 5.04 -14.93
C ILE B 215 -14.45 3.60 -14.46
N ASN B 216 -14.63 3.36 -13.17
CA ASN B 216 -14.75 2.02 -12.54
C ASN B 216 -16.24 1.64 -12.35
N GLY B 217 -17.16 2.29 -13.06
CA GLY B 217 -18.57 1.86 -13.18
C GLY B 217 -19.45 2.29 -12.01
N ASP B 218 -18.97 3.07 -11.05
CA ASP B 218 -19.84 3.66 -9.99
C ASP B 218 -20.38 4.98 -10.53
N ARG B 219 -21.68 5.05 -10.79
CA ARG B 219 -22.34 6.20 -11.49
C ARG B 219 -23.52 6.73 -10.69
N TRP B 220 -23.86 6.13 -9.56
CA TRP B 220 -25.16 6.39 -8.86
C TRP B 220 -25.21 7.85 -8.39
N PHE B 221 -24.07 8.49 -8.15
CA PHE B 221 -24.02 9.86 -7.55
C PHE B 221 -24.13 10.96 -8.62
N LEU B 222 -24.11 10.61 -9.91
CA LEU B 222 -24.18 11.59 -11.03
C LEU B 222 -25.62 12.09 -11.09
N ASN B 223 -25.80 13.39 -11.29
CA ASN B 223 -27.11 14.07 -11.27
C ASN B 223 -27.17 15.01 -12.48
N ARG B 224 -28.31 15.64 -12.72
CA ARG B 224 -28.55 16.55 -13.87
C ARG B 224 -27.98 17.95 -13.56
N PHE B 225 -27.67 18.21 -12.29
CA PHE B 225 -27.39 19.58 -11.78
C PHE B 225 -26.01 20.03 -12.28
N THR B 226 -25.91 21.34 -12.50
CA THR B 226 -24.62 22.03 -12.67
C THR B 226 -24.50 23.02 -11.51
N THR B 227 -23.29 23.51 -11.23
CA THR B 227 -23.04 24.53 -10.18
C THR B 227 -22.07 25.55 -10.79
N THR B 228 -21.80 26.62 -10.06
CA THR B 228 -20.70 27.56 -10.39
C THR B 228 -19.56 27.33 -9.42
N LEU B 229 -18.38 27.75 -9.81
CA LEU B 229 -17.18 27.63 -8.97
C LEU B 229 -17.42 28.38 -7.67
N ASN B 230 -17.92 29.61 -7.76
CA ASN B 230 -18.31 30.38 -6.56
C ASN B 230 -19.27 29.62 -5.65
N ASP B 231 -20.39 29.13 -6.18
CA ASP B 231 -21.45 28.48 -5.36
C ASP B 231 -20.89 27.16 -4.78
N PHE B 232 -20.07 26.46 -5.52
CA PHE B 232 -19.45 25.21 -5.00
C PHE B 232 -18.56 25.55 -3.80
N ASN B 233 -17.82 26.63 -3.91
CA ASN B 233 -16.83 27.06 -2.90
C ASN B 233 -17.58 27.49 -1.63
N LEU B 234 -18.83 27.99 -1.74
CA LEU B 234 -19.62 28.30 -0.52
C LEU B 234 -19.88 27.01 0.27
N VAL B 235 -20.19 25.93 -0.45
CA VAL B 235 -20.42 24.57 0.12
C VAL B 235 -19.08 24.01 0.63
N ALA B 236 -18.02 24.02 -0.18
CA ALA B 236 -16.69 23.54 0.28
C ALA B 236 -16.39 24.16 1.66
N MET B 237 -16.53 25.48 1.79
CA MET B 237 -16.15 26.18 3.03
C MET B 237 -16.93 25.59 4.21
N LYS B 238 -18.25 25.42 4.06
CA LYS B 238 -19.15 24.92 5.14
C LYS B 238 -18.72 23.52 5.63
N TYR B 239 -18.18 22.67 4.75
CA TYR B 239 -17.83 21.25 5.02
C TYR B 239 -16.32 21.06 5.24
N ASN B 240 -15.59 22.17 5.43
N ASN B 240 -15.57 22.15 5.43
CA ASN B 240 -14.13 22.24 5.74
CA ASN B 240 -14.11 22.10 5.73
C ASN B 240 -13.34 21.62 4.59
C ASN B 240 -13.44 21.38 4.56
N TYR B 241 -13.84 21.77 3.35
CA TYR B 241 -13.11 21.44 2.10
C TYR B 241 -12.20 22.62 1.72
N GLU B 242 -11.07 22.33 1.10
CA GLU B 242 -10.19 23.34 0.51
C GLU B 242 -10.93 24.05 -0.63
N PRO B 243 -10.67 25.34 -0.83
CA PRO B 243 -11.20 26.03 -2.00
C PRO B 243 -10.84 25.26 -3.27
N LEU B 244 -11.75 25.21 -4.22
CA LEU B 244 -11.49 24.73 -5.59
C LEU B 244 -11.20 25.96 -6.46
N THR B 245 -10.00 26.01 -7.03
CA THR B 245 -9.51 27.11 -7.91
C THR B 245 -9.79 26.81 -9.38
N GLN B 246 -9.73 27.84 -10.23
CA GLN B 246 -9.79 27.62 -11.68
C GLN B 246 -8.59 26.76 -12.10
N ASP B 247 -7.44 26.91 -11.45
CA ASP B 247 -6.27 26.04 -11.74
C ASP B 247 -6.62 24.59 -11.48
N HIS B 248 -7.31 24.29 -10.38
CA HIS B 248 -7.79 22.91 -10.13
C HIS B 248 -8.74 22.45 -11.25
N VAL B 249 -9.63 23.33 -11.70
CA VAL B 249 -10.61 22.98 -12.76
C VAL B 249 -9.83 22.61 -14.02
N ASP B 250 -8.74 23.31 -14.29
CA ASP B 250 -7.87 23.06 -15.46
C ASP B 250 -7.22 21.68 -15.28
N ILE B 251 -6.69 21.41 -14.09
CA ILE B 251 -6.01 20.12 -13.75
C ILE B 251 -6.96 18.93 -13.93
N LEU B 252 -8.25 19.10 -13.68
CA LEU B 252 -9.28 18.04 -13.79
C LEU B 252 -9.78 17.91 -15.24
N GLY B 253 -9.38 18.81 -16.14
CA GLY B 253 -9.80 18.80 -17.55
C GLY B 253 -9.67 17.41 -18.19
N PRO B 254 -8.48 16.80 -18.22
CA PRO B 254 -8.34 15.48 -18.83
C PRO B 254 -9.28 14.39 -18.32
N LEU B 255 -9.60 14.39 -17.02
CA LEU B 255 -10.55 13.40 -16.48
C LEU B 255 -11.96 13.78 -16.95
N SER B 256 -12.31 15.07 -17.02
CA SER B 256 -13.66 15.47 -17.47
C SER B 256 -13.81 15.09 -18.95
N ALA B 257 -12.72 15.19 -19.72
CA ALA B 257 -12.70 14.85 -21.17
C ALA B 257 -12.89 13.34 -21.34
N GLN B 258 -12.08 12.56 -20.64
CA GLN B 258 -12.14 11.08 -20.69
C GLN B 258 -13.55 10.62 -20.34
N THR B 259 -14.23 11.21 -19.35
CA THR B 259 -15.53 10.64 -18.88
C THR B 259 -16.69 11.36 -19.56
N GLY B 260 -16.43 12.53 -20.16
CA GLY B 260 -17.46 13.42 -20.73
C GLY B 260 -18.32 14.10 -19.66
N ILE B 261 -17.82 14.23 -18.43
CA ILE B 261 -18.58 14.87 -17.34
C ILE B 261 -17.83 16.15 -16.99
N ALA B 262 -18.43 17.29 -17.32
CA ALA B 262 -17.88 18.63 -17.04
C ALA B 262 -17.47 18.68 -15.56
N VAL B 263 -16.40 19.43 -15.29
CA VAL B 263 -15.87 19.55 -13.91
C VAL B 263 -16.98 20.12 -13.02
N LEU B 264 -17.70 21.15 -13.48
CA LEU B 264 -18.72 21.78 -12.59
C LEU B 264 -19.99 20.91 -12.47
N ASP B 265 -20.23 19.94 -13.35
CA ASP B 265 -21.27 18.91 -13.13
C ASP B 265 -20.78 17.92 -12.06
N MET B 266 -19.49 17.52 -12.09
CA MET B 266 -19.00 16.64 -11.00
C MET B 266 -19.01 17.41 -9.67
N CYS B 267 -18.77 18.73 -9.69
CA CYS B 267 -18.88 19.59 -8.48
C CYS B 267 -20.32 19.56 -7.94
N ALA B 268 -21.32 19.52 -8.82
CA ALA B 268 -22.74 19.45 -8.41
C ALA B 268 -22.98 18.12 -7.72
N SER B 269 -22.37 17.04 -8.19
CA SER B 269 -22.49 15.68 -7.60
C SER B 269 -21.88 15.72 -6.19
N LEU B 270 -20.70 16.33 -6.07
CA LEU B 270 -19.98 16.42 -4.77
C LEU B 270 -20.84 17.25 -3.82
N LYS B 271 -21.35 18.39 -4.28
CA LYS B 271 -22.25 19.23 -3.45
C LYS B 271 -23.38 18.35 -2.88
N GLU B 272 -24.02 17.53 -3.73
N GLU B 272 -24.02 17.54 -3.72
CA GLU B 272 -25.18 16.69 -3.34
CA GLU B 272 -25.17 16.70 -3.31
C GLU B 272 -24.74 15.59 -2.35
C GLU B 272 -24.70 15.69 -2.26
N LEU B 273 -23.51 15.12 -2.46
CA LEU B 273 -22.95 14.11 -1.52
C LEU B 273 -22.67 14.74 -0.15
N LEU B 274 -22.17 15.99 -0.11
CA LEU B 274 -21.84 16.73 1.13
C LEU B 274 -23.15 17.09 1.83
N GLN B 275 -24.16 17.49 1.06
CA GLN B 275 -25.42 18.00 1.67
C GLN B 275 -26.28 16.84 2.17
N ASN B 276 -26.28 15.68 1.50
CA ASN B 276 -27.30 14.62 1.68
C ASN B 276 -26.67 13.32 2.19
N GLY B 277 -25.33 13.26 2.24
CA GLY B 277 -24.60 12.01 2.51
C GLY B 277 -24.80 10.99 1.42
N MET B 278 -24.50 9.71 1.69
CA MET B 278 -24.47 8.66 0.65
C MET B 278 -25.72 7.77 0.74
N ASN B 279 -26.63 7.99 1.70
CA ASN B 279 -27.90 7.23 1.85
C ASN B 279 -27.59 5.74 1.90
N GLY B 280 -26.53 5.39 2.65
CA GLY B 280 -26.11 3.99 2.91
C GLY B 280 -25.52 3.29 1.70
N ARG B 281 -25.11 4.05 0.67
N ARG B 281 -25.05 4.03 0.70
CA ARG B 281 -24.43 3.56 -0.56
CA ARG B 281 -24.39 3.42 -0.48
C ARG B 281 -22.91 3.66 -0.32
C ARG B 281 -22.89 3.71 -0.35
N THR B 282 -22.09 3.09 -1.21
CA THR B 282 -20.60 3.16 -1.16
C THR B 282 -20.10 3.65 -2.52
N ILE B 283 -18.88 4.18 -2.56
CA ILE B 283 -18.22 4.53 -3.83
C ILE B 283 -16.80 3.95 -3.77
N LEU B 284 -16.41 3.17 -4.78
CA LEU B 284 -15.11 2.45 -4.83
C LEU B 284 -14.82 1.78 -3.48
N GLY B 285 -15.85 1.13 -2.93
CA GLY B 285 -15.80 0.39 -1.66
C GLY B 285 -15.54 1.27 -0.45
N SER B 286 -15.80 2.58 -0.52
CA SER B 286 -15.73 3.47 0.66
C SER B 286 -17.10 4.06 1.00
N ALA B 287 -17.34 4.32 2.30
CA ALA B 287 -18.52 5.04 2.79
C ALA B 287 -18.12 6.49 3.06
N LEU B 288 -16.84 6.81 2.86
CA LEU B 288 -16.32 8.19 3.03
C LEU B 288 -15.80 8.71 1.69
N LEU B 289 -15.74 10.02 1.54
CA LEU B 289 -15.14 10.62 0.34
C LEU B 289 -13.62 10.65 0.48
N GLU B 290 -12.92 10.01 -0.41
CA GLU B 290 -11.45 9.81 -0.32
C GLU B 290 -10.73 10.97 -1.01
N ASP B 291 -9.68 11.48 -0.37
CA ASP B 291 -8.97 12.70 -0.84
C ASP B 291 -7.47 12.47 -0.96
N GLU B 292 -6.98 11.23 -1.01
CA GLU B 292 -5.51 11.02 -1.14
C GLU B 292 -5.19 10.36 -2.48
N PHE B 293 -6.01 10.57 -3.52
CA PHE B 293 -5.58 10.28 -4.92
C PHE B 293 -5.57 11.60 -5.67
N THR B 294 -4.45 11.94 -6.27
CA THR B 294 -4.33 13.10 -7.18
C THR B 294 -4.98 12.77 -8.53
N PRO B 295 -5.35 13.80 -9.34
CA PRO B 295 -5.69 13.62 -10.76
C PRO B 295 -4.69 12.73 -11.53
N PHE B 296 -3.41 12.93 -11.27
CA PHE B 296 -2.32 12.16 -11.90
C PHE B 296 -2.37 10.72 -11.42
N ASP B 297 -2.62 10.48 -10.13
CA ASP B 297 -2.77 9.09 -9.62
C ASP B 297 -3.91 8.36 -10.36
N VAL B 298 -5.03 9.04 -10.61
CA VAL B 298 -6.24 8.38 -11.17
C VAL B 298 -5.89 7.93 -12.58
N VAL B 299 -5.35 8.86 -13.38
CA VAL B 299 -4.93 8.59 -14.78
C VAL B 299 -3.94 7.43 -14.83
N ARG B 300 -2.89 7.46 -13.99
CA ARG B 300 -1.86 6.39 -13.93
C ARG B 300 -2.48 5.02 -13.60
N GLN B 301 -3.37 4.93 -12.61
CA GLN B 301 -3.87 3.61 -12.16
C GLN B 301 -4.92 3.09 -13.13
N CYS B 302 -5.69 3.98 -13.76
CA CYS B 302 -6.89 3.62 -14.57
C CYS B 302 -6.46 3.27 -16.01
N SER B 303 -5.25 3.65 -16.44
CA SER B 303 -4.79 3.52 -17.86
C SER B 303 -3.30 3.19 -17.96
N GLY B 304 -2.54 3.31 -16.87
CA GLY B 304 -1.08 3.01 -16.85
C GLY B 304 -0.37 3.76 -17.95
N LEU C 2 -12.54 -12.72 -17.86
CA LEU C 2 -11.65 -12.17 -18.88
C LEU C 2 -10.18 -12.50 -18.58
N LEU C 3 -9.44 -13.13 -19.49
CA LEU C 3 -8.02 -13.42 -19.31
C LEU C 3 -7.26 -12.14 -19.40
N LEU D 2 5.87 14.59 19.46
CA LEU D 2 6.82 13.62 19.92
C LEU D 2 7.91 13.32 18.86
N LEU D 3 9.20 13.46 19.15
CA LEU D 3 10.21 13.11 18.25
C LEU D 3 10.26 11.60 18.11
#